data_4BJ1
#
_entry.id   4BJ1
#
_cell.length_a   78.360
_cell.length_b   78.360
_cell.length_c   236.210
_cell.angle_alpha   90.00
_cell.angle_beta   90.00
_cell.angle_gamma   120.00
#
_symmetry.space_group_name_H-M   'P 65 2 2'
#
loop_
_entity.id
_entity.type
_entity.pdbx_description
1 polymer 'PROTEIN RIF2'
2 non-polymer 'CHLORIDE ION'
3 water water
#
_entity_poly.entity_id   1
_entity_poly.type   'polypeptide(L)'
_entity_poly.pdbx_seq_one_letter_code
;GGGRVDHVFYQKFKSMALQELGTNYLSISYVPSLSKFLSKNLRSMKNCIVFFDKVEHIHQYAGIDRAVSETLSLVDINVV
IIEMNDYLMKEGIQSSKSKECIESMGQASYSGQLDFEASEKPSNHTSDLMMMVMRKINNDESIDHIVYFKFEQLDKLSTS
TIIEPSKLTEFINVLSVLEKSNNIAFKVLIYSNNVSISSLLSTSLKKKLNTKYTVFEMPILTCAQEQEYLKKMIKFTFDS
GSKLLQSYNSLVTCQLNNKESNLAIFFEFLKVFPHPFTYLFNAYTEIIVQSRTFDELLDKIRNRLTIKNYPHSAYNFKK
;
_entity_poly.pdbx_strand_id   A
#
# COMPACT_ATOMS: atom_id res chain seq x y z
N HIS A 7 23.02 -29.18 4.70
CA HIS A 7 21.87 -30.02 5.02
C HIS A 7 20.59 -29.22 5.44
N VAL A 8 20.75 -28.04 6.11
CA VAL A 8 19.58 -27.24 6.52
C VAL A 8 19.57 -25.90 5.78
N PHE A 9 19.01 -25.93 4.56
CA PHE A 9 18.97 -24.81 3.63
C PHE A 9 18.11 -23.64 4.13
N TYR A 10 18.78 -22.81 4.94
CA TYR A 10 18.21 -21.64 5.56
C TYR A 10 18.00 -20.56 4.49
N GLN A 11 18.86 -20.48 3.48
CA GLN A 11 18.72 -19.55 2.36
C GLN A 11 17.35 -19.71 1.68
N LYS A 12 16.83 -20.94 1.59
CA LYS A 12 15.50 -21.20 1.02
C LYS A 12 14.42 -20.55 1.90
N PHE A 13 14.50 -20.77 3.25
CA PHE A 13 13.59 -20.22 4.25
C PHE A 13 13.72 -18.71 4.23
N LYS A 14 14.95 -18.18 4.41
CA LYS A 14 15.29 -16.76 4.45
C LYS A 14 14.64 -16.03 3.30
N SER A 15 14.91 -16.46 2.04
CA SER A 15 14.39 -15.81 0.85
C SER A 15 12.85 -15.85 0.79
N MET A 16 12.24 -16.99 1.19
CA MET A 16 10.79 -17.18 1.17
C MET A 16 10.10 -16.37 2.26
N ALA A 17 10.76 -16.28 3.44
CA ALA A 17 10.28 -15.54 4.59
C ALA A 17 10.34 -14.06 4.24
N LEU A 18 11.44 -13.61 3.61
CA LEU A 18 11.56 -12.22 3.20
C LEU A 18 10.49 -11.80 2.23
N GLN A 19 10.22 -12.64 1.20
CA GLN A 19 9.13 -12.37 0.25
C GLN A 19 7.76 -12.39 0.92
N GLU A 20 7.49 -13.38 1.82
CA GLU A 20 6.18 -13.42 2.48
C GLU A 20 5.96 -12.27 3.42
N LEU A 21 6.99 -11.88 4.19
CA LEU A 21 6.89 -10.75 5.12
C LEU A 21 6.57 -9.48 4.28
N GLY A 22 7.24 -9.36 3.13
CA GLY A 22 6.98 -8.29 2.16
C GLY A 22 5.52 -8.27 1.74
N THR A 23 5.04 -9.41 1.25
CA THR A 23 3.64 -9.66 0.84
C THR A 23 2.64 -9.38 1.96
N ASN A 24 2.90 -9.92 3.16
CA ASN A 24 2.06 -9.76 4.36
C ASN A 24 1.87 -8.30 4.69
N TYR A 25 2.95 -7.50 4.74
CA TYR A 25 2.89 -6.06 4.97
C TYR A 25 1.99 -5.38 3.94
N LEU A 26 2.22 -5.66 2.64
CA LEU A 26 1.46 -5.04 1.56
C LEU A 26 0.01 -5.52 1.38
N SER A 27 -0.39 -6.51 2.19
CA SER A 27 -1.73 -7.10 2.18
C SER A 27 -2.80 -6.09 2.60
N ILE A 28 -3.95 -6.13 1.90
CA ILE A 28 -5.14 -5.31 2.15
C ILE A 28 -6.36 -6.23 2.40
N SER A 29 -6.10 -7.40 2.99
CA SER A 29 -7.10 -8.43 3.29
C SER A 29 -7.94 -8.03 4.49
N TYR A 30 -7.41 -7.12 5.36
CA TYR A 30 -8.13 -6.61 6.53
C TYR A 30 -9.31 -5.74 6.07
N VAL A 31 -9.21 -5.18 4.85
CA VAL A 31 -10.24 -4.36 4.22
C VAL A 31 -10.67 -5.06 2.87
N PRO A 32 -11.45 -6.18 2.94
CA PRO A 32 -11.86 -6.88 1.70
C PRO A 32 -12.69 -6.03 0.76
N SER A 33 -13.42 -5.05 1.31
CA SER A 33 -14.24 -4.10 0.59
C SER A 33 -13.41 -3.25 -0.37
N LEU A 34 -12.10 -3.04 -0.05
CA LEU A 34 -11.19 -2.24 -0.89
C LEU A 34 -10.83 -2.90 -2.21
N SER A 35 -10.39 -4.16 -2.18
CA SER A 35 -10.00 -4.93 -3.38
C SER A 35 -11.13 -4.89 -4.43
N LYS A 36 -12.38 -5.09 -3.99
CA LYS A 36 -13.56 -5.02 -4.85
C LYS A 36 -13.79 -3.58 -5.34
N PHE A 37 -13.60 -2.57 -4.45
CA PHE A 37 -13.77 -1.14 -4.77
C PHE A 37 -12.81 -0.72 -5.87
N LEU A 38 -11.59 -1.29 -5.87
CA LEU A 38 -10.58 -0.97 -6.85
C LEU A 38 -10.94 -1.53 -8.22
N SER A 39 -11.11 -2.87 -8.37
CA SER A 39 -11.50 -3.48 -9.66
C SER A 39 -12.76 -2.85 -10.31
N LYS A 40 -13.69 -2.34 -9.48
CA LYS A 40 -14.93 -1.69 -9.88
C LYS A 40 -14.63 -0.35 -10.57
N ASN A 41 -13.76 0.47 -9.95
CA ASN A 41 -13.46 1.81 -10.45
C ASN A 41 -12.27 1.87 -11.39
N LEU A 42 -11.23 1.03 -11.19
CA LEU A 42 -10.01 1.05 -11.98
C LEU A 42 -10.00 0.21 -13.24
N ARG A 43 -10.60 -1.00 -13.19
CA ARG A 43 -10.62 -1.95 -14.30
C ARG A 43 -11.82 -1.74 -15.25
N SER A 44 -12.19 -0.47 -15.49
CA SER A 44 -13.27 -0.10 -16.41
C SER A 44 -12.80 1.04 -17.32
N MET A 45 -13.69 1.48 -18.22
CA MET A 45 -13.38 2.56 -19.17
C MET A 45 -14.11 3.86 -18.77
N LYS A 46 -14.65 3.89 -17.52
CA LYS A 46 -15.36 5.04 -16.95
C LYS A 46 -14.37 5.94 -16.18
N ASN A 47 -14.42 7.27 -16.41
CA ASN A 47 -13.56 8.22 -15.71
C ASN A 47 -14.06 8.35 -14.28
N CYS A 48 -13.16 8.23 -13.30
CA CYS A 48 -13.58 8.50 -11.91
C CYS A 48 -12.44 9.05 -11.07
N ILE A 49 -12.83 9.82 -10.08
CA ILE A 49 -11.98 10.45 -9.10
C ILE A 49 -12.22 9.70 -7.80
N VAL A 50 -11.15 9.15 -7.22
CA VAL A 50 -11.19 8.39 -5.96
C VAL A 50 -10.37 9.09 -4.89
N PHE A 51 -10.98 9.29 -3.71
CA PHE A 51 -10.31 9.85 -2.53
C PHE A 51 -10.10 8.72 -1.53
N PHE A 52 -8.90 8.66 -0.96
CA PHE A 52 -8.55 7.67 0.06
C PHE A 52 -8.33 8.46 1.36
N ASP A 53 -9.40 8.55 2.17
CA ASP A 53 -9.35 9.30 3.44
C ASP A 53 -8.93 8.38 4.57
N LYS A 54 -8.41 8.99 5.65
CA LYS A 54 -7.94 8.34 6.85
C LYS A 54 -6.77 7.37 6.53
N VAL A 55 -5.93 7.73 5.52
CA VAL A 55 -4.72 6.96 5.16
C VAL A 55 -3.65 7.56 6.10
N GLU A 56 -3.64 7.01 7.34
CA GLU A 56 -2.86 7.52 8.47
C GLU A 56 -1.53 6.88 8.65
N HIS A 57 -1.26 5.86 7.83
CA HIS A 57 -0.05 5.07 7.96
C HIS A 57 0.61 4.78 6.65
N ILE A 58 1.93 4.77 6.68
CA ILE A 58 2.69 4.46 5.48
C ILE A 58 2.41 3.01 5.04
N HIS A 59 2.18 2.11 6.02
CA HIS A 59 1.79 0.72 5.82
C HIS A 59 0.56 0.61 4.94
N GLN A 60 -0.46 1.46 5.21
CA GLN A 60 -1.73 1.50 4.51
C GLN A 60 -1.56 1.99 3.09
N TYR A 61 -0.83 3.11 2.91
CA TYR A 61 -0.52 3.73 1.63
C TYR A 61 0.16 2.71 0.71
N ALA A 62 1.23 2.03 1.20
CA ALA A 62 1.96 1.00 0.45
C ALA A 62 1.00 -0.12 -0.01
N GLY A 63 0.08 -0.52 0.89
CA GLY A 63 -0.92 -1.54 0.62
C GLY A 63 -1.90 -1.16 -0.46
N ILE A 64 -2.42 0.07 -0.41
CA ILE A 64 -3.39 0.61 -1.35
C ILE A 64 -2.71 0.72 -2.69
N ASP A 65 -1.48 1.28 -2.67
CA ASP A 65 -0.70 1.49 -3.86
C ASP A 65 -0.47 0.19 -4.62
N ARG A 66 0.04 -0.88 -3.94
CA ARG A 66 0.24 -2.18 -4.57
C ARG A 66 -1.06 -2.73 -5.16
N ALA A 67 -2.17 -2.64 -4.41
CA ALA A 67 -3.48 -3.10 -4.86
C ALA A 67 -3.93 -2.34 -6.12
N VAL A 68 -3.59 -1.02 -6.22
CA VAL A 68 -3.88 -0.19 -7.38
C VAL A 68 -3.01 -0.67 -8.53
N SER A 69 -1.67 -0.80 -8.25
CA SER A 69 -0.60 -1.28 -9.14
C SER A 69 -1.00 -2.61 -9.80
N GLU A 70 -1.54 -3.55 -9.02
CA GLU A 70 -2.00 -4.85 -9.51
C GLU A 70 -3.26 -4.76 -10.32
N THR A 71 -4.24 -3.94 -9.90
CA THR A 71 -5.54 -3.79 -10.61
C THR A 71 -5.31 -3.26 -12.04
N LEU A 72 -4.35 -2.33 -12.19
CA LEU A 72 -3.99 -1.76 -13.48
C LEU A 72 -3.25 -2.76 -14.38
N SER A 73 -2.62 -3.78 -13.77
CA SER A 73 -1.95 -4.87 -14.48
C SER A 73 -2.99 -5.78 -15.17
N LEU A 74 -4.18 -5.94 -14.56
CA LEU A 74 -5.31 -6.73 -15.08
C LEU A 74 -5.91 -6.09 -16.35
N VAL A 75 -5.85 -4.73 -16.44
CA VAL A 75 -6.37 -3.92 -17.55
C VAL A 75 -5.68 -4.30 -18.87
N ASP A 76 -6.50 -4.73 -19.86
CA ASP A 76 -6.08 -5.18 -21.20
C ASP A 76 -6.03 -4.04 -22.27
N ILE A 77 -5.91 -2.78 -21.78
CA ILE A 77 -5.87 -1.54 -22.54
C ILE A 77 -4.66 -0.74 -22.05
N ASN A 78 -4.08 0.13 -22.90
CA ASN A 78 -2.93 0.93 -22.48
C ASN A 78 -3.21 1.81 -21.25
N VAL A 79 -2.31 1.74 -20.25
CA VAL A 79 -2.38 2.47 -18.99
C VAL A 79 -1.13 3.34 -18.91
N VAL A 80 -1.31 4.63 -18.62
CA VAL A 80 -0.29 5.68 -18.50
C VAL A 80 -0.40 6.22 -17.07
N ILE A 81 0.75 6.60 -16.48
CA ILE A 81 0.80 7.11 -15.12
C ILE A 81 1.33 8.53 -15.12
N ILE A 82 0.61 9.42 -14.43
CA ILE A 82 1.04 10.80 -14.24
C ILE A 82 0.97 11.10 -12.76
N GLU A 83 2.13 11.49 -12.18
CA GLU A 83 2.23 11.82 -10.77
C GLU A 83 2.07 13.34 -10.66
N MET A 84 0.93 13.75 -10.09
CA MET A 84 0.52 15.16 -9.99
C MET A 84 1.12 15.94 -8.82
N ASN A 85 1.81 15.23 -7.90
CA ASN A 85 2.44 15.80 -6.70
C ASN A 85 3.40 16.92 -6.99
N ASP A 86 4.39 16.64 -7.88
CA ASP A 86 5.40 17.61 -8.27
C ASP A 86 4.80 18.85 -8.96
N TYR A 87 3.68 18.66 -9.69
CA TYR A 87 2.97 19.70 -10.45
C TYR A 87 2.21 20.76 -9.64
N LEU A 88 1.28 20.34 -8.74
CA LEU A 88 0.34 21.19 -8.01
C LEU A 88 0.83 21.81 -6.69
N MET A 89 1.45 21.01 -5.79
CA MET A 89 1.92 21.46 -4.46
C MET A 89 2.87 22.67 -4.49
N LYS A 90 3.60 22.85 -5.62
CA LYS A 90 4.57 23.94 -5.89
C LYS A 90 4.18 25.32 -5.34
N THR A 126 -2.35 22.64 -25.48
CA THR A 126 -1.98 24.05 -25.38
C THR A 126 -1.15 24.37 -24.14
N SER A 127 -1.51 23.79 -22.98
CA SER A 127 -0.82 23.99 -21.71
C SER A 127 0.33 23.00 -21.50
N ASP A 128 1.22 23.28 -20.54
CA ASP A 128 2.38 22.45 -20.18
C ASP A 128 1.95 21.02 -19.85
N LEU A 129 0.92 20.90 -18.99
CA LEU A 129 0.34 19.66 -18.50
C LEU A 129 -0.27 18.88 -19.64
N MET A 130 -1.17 19.52 -20.39
CA MET A 130 -1.86 19.00 -21.57
C MET A 130 -0.87 18.38 -22.55
N MET A 131 0.22 19.10 -22.83
CA MET A 131 1.27 18.70 -23.74
C MET A 131 1.93 17.42 -23.28
N MET A 132 2.22 17.35 -21.97
CA MET A 132 2.86 16.20 -21.33
C MET A 132 1.93 14.99 -21.29
N VAL A 133 0.63 15.17 -20.90
CA VAL A 133 -0.38 14.09 -20.85
C VAL A 133 -0.54 13.47 -22.23
N MET A 134 -0.71 14.32 -23.26
CA MET A 134 -0.90 13.90 -24.65
C MET A 134 0.29 13.17 -25.22
N ARG A 135 1.51 13.63 -24.88
CA ARG A 135 2.75 12.99 -25.35
C ARG A 135 2.80 11.53 -24.92
N LYS A 136 2.43 11.27 -23.65
CA LYS A 136 2.37 9.96 -23.03
C LYS A 136 1.31 9.12 -23.70
N ILE A 137 0.06 9.66 -23.80
CA ILE A 137 -1.12 9.05 -24.42
C ILE A 137 -0.91 8.77 -25.90
N ASN A 138 0.00 9.47 -26.56
CA ASN A 138 0.22 9.23 -27.99
C ASN A 138 0.95 7.91 -28.33
N ASN A 139 1.09 7.00 -27.34
CA ASN A 139 1.70 5.68 -27.56
C ASN A 139 0.79 4.90 -28.53
N ASP A 140 1.29 4.57 -29.73
CA ASP A 140 0.48 3.83 -30.70
C ASP A 140 0.46 2.34 -30.32
N GLU A 141 -0.05 2.09 -29.10
CA GLU A 141 -0.17 0.81 -28.43
C GLU A 141 -1.55 0.20 -28.64
N SER A 142 -2.62 1.00 -28.36
CA SER A 142 -4.04 0.63 -28.48
C SER A 142 -4.87 1.86 -28.77
N ILE A 143 -6.11 1.68 -29.24
CA ILE A 143 -7.03 2.77 -29.57
C ILE A 143 -7.48 3.46 -28.29
N ASP A 144 -7.79 2.65 -27.27
CA ASP A 144 -8.22 3.13 -25.97
C ASP A 144 -7.03 3.29 -25.01
N HIS A 145 -7.04 4.32 -24.17
CA HIS A 145 -5.99 4.60 -23.20
C HIS A 145 -6.61 4.96 -21.88
N ILE A 146 -5.87 4.75 -20.78
CA ILE A 146 -6.27 5.10 -19.42
C ILE A 146 -5.11 5.87 -18.82
N VAL A 147 -5.40 7.08 -18.39
CA VAL A 147 -4.44 7.95 -17.74
C VAL A 147 -4.73 7.85 -16.26
N TYR A 148 -3.75 7.47 -15.46
CA TYR A 148 -3.91 7.37 -14.02
C TYR A 148 -3.09 8.47 -13.44
N PHE A 149 -3.79 9.49 -12.91
CA PHE A 149 -3.22 10.67 -12.25
C PHE A 149 -3.17 10.35 -10.78
N LYS A 150 -2.01 10.49 -10.16
CA LYS A 150 -1.83 10.18 -8.75
C LYS A 150 -1.43 11.42 -7.98
N PHE A 151 -2.15 11.69 -6.89
CA PHE A 151 -1.87 12.83 -6.02
C PHE A 151 -1.86 12.37 -4.57
N GLU A 152 -0.79 12.71 -3.84
CA GLU A 152 -0.61 12.27 -2.46
C GLU A 152 -0.42 13.48 -1.52
N GLN A 153 -1.36 13.67 -0.59
CA GLN A 153 -1.36 14.75 0.40
C GLN A 153 -1.43 14.13 1.81
N LEU A 154 -0.37 13.38 2.20
CA LEU A 154 -0.36 12.60 3.44
C LEU A 154 0.34 13.23 4.65
N ASP A 155 0.88 14.45 4.51
CA ASP A 155 1.49 15.21 5.60
C ASP A 155 0.83 16.60 5.74
N LYS A 156 -0.41 16.76 5.14
CA LYS A 156 -1.29 17.95 5.14
C LYS A 156 -1.44 18.58 6.53
N ILE A 163 -1.02 24.28 -2.49
CA ILE A 163 -1.52 23.86 -3.81
C ILE A 163 -1.83 25.11 -4.63
N GLU A 164 -1.08 25.34 -5.75
CA GLU A 164 -1.26 26.53 -6.60
C GLU A 164 -2.65 26.57 -7.27
N PRO A 165 -3.48 27.63 -7.04
CA PRO A 165 -4.82 27.66 -7.66
C PRO A 165 -4.77 27.61 -9.17
N SER A 166 -3.76 28.29 -9.74
CA SER A 166 -3.44 28.36 -11.17
C SER A 166 -3.08 26.97 -11.71
N LYS A 167 -2.26 26.20 -10.97
CA LYS A 167 -1.85 24.85 -11.38
C LYS A 167 -3.02 23.84 -11.33
N LEU A 168 -3.90 23.98 -10.32
CA LEU A 168 -5.09 23.15 -10.09
C LEU A 168 -6.11 23.31 -11.21
N THR A 169 -6.33 24.56 -11.69
CA THR A 169 -7.29 24.84 -12.76
C THR A 169 -6.84 24.19 -14.07
N GLU A 170 -5.54 24.33 -14.39
CA GLU A 170 -4.87 23.76 -15.56
C GLU A 170 -5.11 22.22 -15.60
N PHE A 171 -5.10 21.56 -14.41
CA PHE A 171 -5.36 20.13 -14.24
C PHE A 171 -6.80 19.78 -14.53
N ILE A 172 -7.76 20.52 -13.93
CA ILE A 172 -9.20 20.31 -14.14
C ILE A 172 -9.59 20.61 -15.61
N ASN A 173 -8.77 21.43 -16.31
CA ASN A 173 -8.91 21.73 -17.72
C ASN A 173 -8.54 20.50 -18.60
N VAL A 174 -7.41 19.84 -18.26
CA VAL A 174 -6.97 18.62 -18.93
C VAL A 174 -8.04 17.55 -18.66
N LEU A 175 -8.50 17.44 -17.41
CA LEU A 175 -9.50 16.45 -17.07
C LEU A 175 -10.81 16.65 -17.85
N SER A 176 -11.29 17.90 -18.01
CA SER A 176 -12.52 18.15 -18.77
C SER A 176 -12.35 17.82 -20.27
N VAL A 177 -11.13 17.95 -20.82
CA VAL A 177 -10.87 17.61 -22.22
C VAL A 177 -10.86 16.08 -22.43
N LEU A 178 -10.36 15.31 -21.44
CA LEU A 178 -10.33 13.84 -21.52
C LEU A 178 -11.74 13.24 -21.34
N GLU A 179 -12.61 14.02 -20.67
CA GLU A 179 -14.02 13.69 -20.43
C GLU A 179 -14.73 13.70 -21.78
N LYS A 180 -14.42 14.73 -22.62
CA LYS A 180 -14.95 14.97 -23.98
C LYS A 180 -14.45 13.89 -24.95
N SER A 181 -13.25 13.32 -24.69
CA SER A 181 -12.66 12.30 -25.54
C SER A 181 -13.15 10.92 -25.21
N ASN A 182 -13.72 10.26 -26.21
CA ASN A 182 -14.04 8.86 -26.08
C ASN A 182 -12.69 8.23 -26.45
N ASN A 183 -12.42 7.01 -25.98
CA ASN A 183 -11.14 6.31 -26.22
C ASN A 183 -10.07 6.69 -25.21
N ILE A 184 -10.32 7.71 -24.38
CA ILE A 184 -9.42 8.12 -23.28
C ILE A 184 -10.25 8.26 -21.99
N ALA A 185 -9.83 7.55 -20.93
CA ALA A 185 -10.45 7.54 -19.61
C ALA A 185 -9.44 7.96 -18.57
N PHE A 186 -9.87 8.62 -17.49
CA PHE A 186 -8.97 9.05 -16.46
C PHE A 186 -9.37 8.52 -15.12
N LYS A 187 -8.37 8.21 -14.30
CA LYS A 187 -8.55 7.72 -12.95
C LYS A 187 -7.71 8.61 -12.07
N VAL A 188 -8.35 9.58 -11.41
CA VAL A 188 -7.67 10.50 -10.49
C VAL A 188 -7.72 9.84 -9.11
N LEU A 189 -6.54 9.58 -8.52
CA LEU A 189 -6.45 8.92 -7.22
C LEU A 189 -5.75 9.85 -6.25
N ILE A 190 -6.51 10.35 -5.28
CA ILE A 190 -6.00 11.26 -4.26
C ILE A 190 -5.96 10.50 -2.94
N TYR A 191 -4.80 10.59 -2.23
CA TYR A 191 -4.52 9.98 -0.94
C TYR A 191 -4.37 11.13 0.06
N SER A 192 -5.27 11.17 1.09
CA SER A 192 -5.22 12.23 2.11
C SER A 192 -5.42 11.71 3.57
N ASN A 193 -5.32 12.64 4.59
CA ASN A 193 -5.47 12.41 6.05
C ASN A 193 -4.48 11.40 6.60
N SER A 198 -7.04 19.56 -0.35
CA SER A 198 -7.93 18.42 -0.18
C SER A 198 -9.39 18.90 -0.05
N SER A 199 -9.60 19.90 0.83
CA SER A 199 -10.89 20.54 1.09
C SER A 199 -11.29 21.37 -0.13
N LEU A 200 -10.34 22.16 -0.66
CA LEU A 200 -10.45 23.04 -1.84
C LEU A 200 -10.44 22.23 -3.15
N LEU A 201 -9.71 21.11 -3.15
CA LEU A 201 -9.55 20.18 -4.26
C LEU A 201 -10.90 19.52 -4.59
N SER A 202 -11.50 18.82 -3.59
CA SER A 202 -12.79 18.12 -3.67
C SER A 202 -13.91 19.00 -4.21
N THR A 203 -13.97 20.26 -3.74
CA THR A 203 -14.96 21.24 -4.15
C THR A 203 -14.68 21.78 -5.56
N SER A 204 -13.39 21.90 -5.95
CA SER A 204 -13.01 22.38 -7.29
C SER A 204 -13.27 21.30 -8.35
N LEU A 205 -12.97 20.02 -8.01
CA LEU A 205 -13.17 18.86 -8.86
C LEU A 205 -14.67 18.58 -9.05
N LYS A 206 -15.47 18.78 -7.98
CA LYS A 206 -16.92 18.58 -8.05
C LYS A 206 -17.61 19.67 -8.90
N LYS A 207 -17.26 20.95 -8.67
CA LYS A 207 -17.84 22.12 -9.33
C LYS A 207 -17.54 22.25 -10.82
N LYS A 208 -16.29 21.96 -11.23
CA LYS A 208 -15.84 22.13 -12.62
C LYS A 208 -15.97 20.87 -13.54
N LEU A 209 -16.14 19.66 -12.97
CA LEU A 209 -16.23 18.43 -13.77
C LEU A 209 -17.59 17.72 -13.74
N ASN A 210 -17.81 16.85 -14.73
CA ASN A 210 -19.04 16.06 -14.88
C ASN A 210 -18.89 14.66 -14.32
N THR A 211 -17.66 14.26 -13.99
CA THR A 211 -17.37 12.97 -13.38
C THR A 211 -17.58 13.11 -11.88
N LYS A 212 -18.48 12.27 -11.33
CA LYS A 212 -18.77 12.26 -9.89
C LYS A 212 -17.67 11.52 -9.17
N TYR A 213 -17.20 12.07 -8.05
CA TYR A 213 -16.13 11.47 -7.27
C TYR A 213 -16.63 10.53 -6.20
N THR A 214 -15.86 9.46 -5.96
CA THR A 214 -16.13 8.47 -4.92
C THR A 214 -15.07 8.64 -3.80
N VAL A 215 -15.40 8.16 -2.58
CA VAL A 215 -14.53 8.23 -1.39
C VAL A 215 -14.39 6.85 -0.72
N PHE A 216 -13.15 6.50 -0.35
CA PHE A 216 -12.85 5.28 0.37
C PHE A 216 -12.24 5.59 1.75
N GLU A 217 -13.03 5.28 2.80
CA GLU A 217 -12.68 5.51 4.20
C GLU A 217 -11.87 4.35 4.74
N MET A 218 -10.57 4.60 4.95
CA MET A 218 -9.66 3.61 5.49
C MET A 218 -10.04 3.30 6.94
N PRO A 219 -10.40 2.04 7.24
CA PRO A 219 -10.86 1.71 8.61
C PRO A 219 -9.79 1.86 9.70
N ILE A 220 -10.18 2.46 10.83
CA ILE A 220 -9.30 2.64 11.97
C ILE A 220 -9.39 1.31 12.71
N LEU A 221 -8.26 0.61 12.87
CA LEU A 221 -8.28 -0.67 13.55
C LEU A 221 -8.30 -0.45 15.06
N THR A 222 -8.99 -1.35 15.77
CA THR A 222 -8.98 -1.36 17.23
C THR A 222 -7.63 -1.99 17.65
N CYS A 223 -7.19 -1.75 18.91
CA CYS A 223 -5.95 -2.34 19.42
C CYS A 223 -5.92 -3.86 19.21
N ALA A 224 -7.07 -4.55 19.44
CA ALA A 224 -7.27 -5.98 19.28
C ALA A 224 -7.09 -6.41 17.82
N GLN A 225 -7.76 -5.70 16.87
CA GLN A 225 -7.64 -5.93 15.42
C GLN A 225 -6.16 -5.80 15.01
N GLU A 226 -5.51 -4.69 15.41
CA GLU A 226 -4.12 -4.35 15.15
C GLU A 226 -3.19 -5.52 15.60
N GLN A 227 -3.28 -5.91 16.87
CA GLN A 227 -2.53 -7.01 17.48
C GLN A 227 -2.69 -8.33 16.68
N GLU A 228 -3.94 -8.67 16.31
CA GLU A 228 -4.29 -9.85 15.53
C GLU A 228 -3.62 -9.84 14.14
N TYR A 229 -3.62 -8.67 13.47
CA TYR A 229 -3.03 -8.51 12.15
C TYR A 229 -1.52 -8.40 12.17
N LEU A 230 -0.94 -7.89 13.26
CA LEU A 230 0.52 -7.80 13.38
C LEU A 230 1.10 -9.20 13.55
N LYS A 231 0.39 -10.08 14.29
CA LYS A 231 0.77 -11.47 14.51
C LYS A 231 0.69 -12.20 13.17
N LYS A 232 -0.40 -11.97 12.38
CA LYS A 232 -0.57 -12.58 11.05
C LYS A 232 0.60 -12.27 10.14
N MET A 233 1.11 -11.02 10.24
CA MET A 233 2.22 -10.51 9.46
C MET A 233 3.48 -11.36 9.59
N ILE A 234 3.77 -11.89 10.78
CA ILE A 234 4.98 -12.68 11.01
C ILE A 234 4.70 -14.21 11.01
N LYS A 235 3.50 -14.62 10.56
CA LYS A 235 3.16 -16.03 10.41
C LYS A 235 3.32 -16.31 8.92
N PHE A 236 4.06 -17.38 8.60
CA PHE A 236 4.31 -17.73 7.20
C PHE A 236 3.53 -18.97 6.77
N THR A 237 3.19 -19.01 5.48
CA THR A 237 2.38 -20.05 4.87
C THR A 237 3.06 -20.84 3.74
N PHE A 238 4.30 -20.49 3.36
CA PHE A 238 5.02 -21.21 2.31
C PHE A 238 5.42 -22.62 2.82
N ASP A 239 5.61 -23.62 1.92
CA ASP A 239 5.94 -25.01 2.35
C ASP A 239 5.00 -25.44 3.47
N SER A 240 3.68 -25.42 3.18
CA SER A 240 2.70 -25.82 4.18
C SER A 240 2.89 -27.29 4.46
N GLY A 241 2.89 -27.62 5.75
CA GLY A 241 3.03 -28.97 6.25
C GLY A 241 4.44 -29.35 6.66
N SER A 242 5.43 -28.55 6.21
CA SER A 242 6.85 -28.78 6.51
C SER A 242 7.18 -28.55 7.99
N LYS A 243 8.07 -29.38 8.57
CA LYS A 243 8.51 -29.29 9.97
C LYS A 243 9.29 -27.99 10.23
N LEU A 244 9.96 -27.44 9.20
CA LEU A 244 10.70 -26.20 9.35
C LEU A 244 9.74 -25.03 9.52
N LEU A 245 8.59 -25.07 8.81
CA LEU A 245 7.59 -24.01 8.92
C LEU A 245 6.83 -24.18 10.24
N GLN A 246 6.59 -25.45 10.64
CA GLN A 246 5.92 -25.82 11.88
C GLN A 246 6.73 -25.29 13.06
N SER A 247 8.07 -25.52 13.07
CA SER A 247 8.99 -25.04 14.11
C SER A 247 8.92 -23.52 14.19
N TYR A 248 9.06 -22.83 13.03
CA TYR A 248 9.03 -21.38 13.01
C TYR A 248 7.69 -20.86 13.59
N ASN A 249 6.55 -21.28 13.03
CA ASN A 249 5.27 -20.77 13.48
C ASN A 249 4.90 -21.19 14.92
N SER A 250 5.29 -22.40 15.36
CA SER A 250 5.01 -22.80 16.74
C SER A 250 5.72 -21.88 17.73
N LEU A 251 7.03 -21.57 17.47
CA LEU A 251 7.85 -20.71 18.33
C LEU A 251 7.21 -19.35 18.44
N VAL A 252 6.80 -18.77 17.30
CA VAL A 252 6.14 -17.47 17.27
C VAL A 252 4.84 -17.50 18.09
N THR A 253 3.92 -18.44 17.79
CA THR A 253 2.65 -18.63 18.49
C THR A 253 2.82 -18.78 20.02
N CYS A 254 3.77 -19.60 20.45
CA CYS A 254 3.99 -19.85 21.86
C CYS A 254 4.64 -18.71 22.59
N GLN A 255 5.55 -17.99 21.92
CA GLN A 255 6.18 -16.82 22.53
C GLN A 255 5.17 -15.68 22.65
N LEU A 256 4.28 -15.50 21.66
CA LEU A 256 3.25 -14.47 21.72
C LEU A 256 2.26 -14.67 22.87
N ASN A 257 2.03 -15.92 23.28
CA ASN A 257 1.13 -16.32 24.37
C ASN A 257 1.80 -16.32 25.74
N ASN A 258 3.14 -16.22 25.76
CA ASN A 258 3.97 -16.18 26.97
C ASN A 258 4.22 -14.70 27.26
N LYS A 259 3.39 -14.11 28.12
CA LYS A 259 3.38 -12.70 28.51
C LYS A 259 4.75 -12.09 28.82
N GLU A 260 5.68 -12.90 29.39
CA GLU A 260 7.00 -12.43 29.79
C GLU A 260 8.10 -12.67 28.75
N SER A 261 7.73 -12.95 27.49
CA SER A 261 8.73 -13.19 26.45
C SER A 261 9.11 -11.92 25.68
N ASN A 262 10.29 -11.94 25.03
CA ASN A 262 10.80 -10.84 24.23
C ASN A 262 9.76 -10.44 23.18
N LEU A 263 9.22 -11.45 22.45
CA LEU A 263 8.21 -11.24 21.41
C LEU A 263 6.91 -10.65 21.95
N ALA A 264 6.38 -11.19 23.08
CA ALA A 264 5.16 -10.70 23.73
C ALA A 264 5.33 -9.26 24.25
N ILE A 265 6.47 -8.98 24.91
CA ILE A 265 6.84 -7.67 25.45
C ILE A 265 6.98 -6.67 24.30
N PHE A 266 7.59 -7.12 23.17
CA PHE A 266 7.79 -6.30 21.97
C PHE A 266 6.44 -5.86 21.47
N PHE A 267 5.47 -6.80 21.40
CA PHE A 267 4.11 -6.56 20.92
C PHE A 267 3.34 -5.61 21.82
N GLU A 268 3.59 -5.63 23.16
CA GLU A 268 2.93 -4.71 24.09
C GLU A 268 3.32 -3.28 23.72
N PHE A 269 4.60 -3.05 23.33
CA PHE A 269 5.04 -1.73 22.88
C PHE A 269 4.31 -1.32 21.60
N LEU A 270 4.11 -2.26 20.63
CA LEU A 270 3.41 -1.98 19.36
C LEU A 270 1.95 -1.48 19.60
N LYS A 271 1.34 -1.79 20.80
CA LYS A 271 -0.01 -1.32 21.16
C LYS A 271 -0.01 0.21 21.27
N VAL A 272 1.09 0.80 21.80
CA VAL A 272 1.25 2.24 22.00
C VAL A 272 1.99 2.94 20.84
N PHE A 273 2.84 2.21 20.11
CA PHE A 273 3.61 2.80 19.02
C PHE A 273 2.70 3.33 17.86
N PRO A 274 2.94 4.57 17.32
CA PRO A 274 2.07 5.10 16.26
C PRO A 274 2.07 4.36 14.93
N HIS A 275 3.18 3.74 14.54
CA HIS A 275 3.24 3.03 13.27
C HIS A 275 3.72 1.59 13.52
N PRO A 276 2.86 0.72 14.13
CA PRO A 276 3.34 -0.63 14.51
C PRO A 276 3.76 -1.57 13.40
N PHE A 277 3.10 -1.51 12.22
CA PHE A 277 3.40 -2.43 11.11
C PHE A 277 4.80 -2.23 10.56
N THR A 278 5.19 -0.96 10.40
CA THR A 278 6.49 -0.53 9.92
C THR A 278 7.57 -0.84 10.95
N TYR A 279 7.33 -0.52 12.26
CA TYR A 279 8.29 -0.83 13.33
C TYR A 279 8.54 -2.36 13.37
N LEU A 280 7.47 -3.17 13.29
CA LEU A 280 7.59 -4.63 13.27
C LEU A 280 8.28 -5.16 12.00
N PHE A 281 7.89 -4.62 10.83
CA PHE A 281 8.46 -4.99 9.54
C PHE A 281 9.96 -4.70 9.55
N ASN A 282 10.37 -3.50 9.97
CA ASN A 282 11.80 -3.19 9.96
C ASN A 282 12.59 -4.10 10.91
N ALA A 283 12.08 -4.28 12.14
CA ALA A 283 12.72 -5.10 13.16
C ALA A 283 12.85 -6.54 12.67
N TYR A 284 11.76 -7.08 12.08
CA TYR A 284 11.70 -8.44 11.60
C TYR A 284 12.53 -8.74 10.36
N THR A 285 12.55 -7.83 9.35
CA THR A 285 13.39 -8.07 8.17
C THR A 285 14.87 -8.15 8.63
N GLU A 286 15.28 -7.32 9.60
CA GLU A 286 16.63 -7.35 10.18
C GLU A 286 16.98 -8.69 10.79
N ILE A 287 16.14 -9.22 11.71
CA ILE A 287 16.43 -10.53 12.32
C ILE A 287 16.55 -11.61 11.25
N ILE A 288 15.67 -11.62 10.22
CA ILE A 288 15.74 -12.61 9.13
C ILE A 288 17.03 -12.44 8.35
N VAL A 289 17.28 -11.24 7.80
CA VAL A 289 18.47 -10.88 7.01
C VAL A 289 19.78 -11.19 7.78
N GLN A 290 19.95 -10.66 9.02
CA GLN A 290 21.14 -10.85 9.84
C GLN A 290 21.43 -12.28 10.27
N SER A 291 20.41 -13.15 10.35
CA SER A 291 20.61 -14.54 10.75
C SER A 291 21.20 -15.33 9.60
N ARG A 292 22.21 -16.17 9.90
CA ARG A 292 22.88 -16.98 8.89
C ARG A 292 22.46 -18.46 8.96
N THR A 293 21.79 -18.86 10.06
CA THR A 293 21.25 -20.21 10.24
C THR A 293 19.85 -20.14 10.82
N PHE A 294 19.08 -21.26 10.70
CA PHE A 294 17.71 -21.32 11.23
C PHE A 294 17.70 -21.16 12.77
N ASP A 295 18.71 -21.73 13.44
CA ASP A 295 18.85 -21.68 14.89
C ASP A 295 19.17 -20.26 15.37
N GLU A 296 19.99 -19.53 14.60
CA GLU A 296 20.31 -18.13 14.87
C GLU A 296 19.00 -17.33 14.85
N LEU A 297 18.11 -17.60 13.85
CA LEU A 297 16.82 -16.92 13.73
C LEU A 297 15.96 -17.13 14.97
N LEU A 298 15.77 -18.40 15.38
CA LEU A 298 14.96 -18.77 16.55
C LEU A 298 15.49 -18.15 17.83
N ASP A 299 16.83 -18.07 17.94
CA ASP A 299 17.54 -17.47 19.07
C ASP A 299 17.23 -15.97 19.16
N LYS A 300 17.16 -15.28 18.04
CA LYS A 300 16.88 -13.85 17.99
C LYS A 300 15.44 -13.56 18.39
N ILE A 301 14.47 -14.36 17.90
CA ILE A 301 13.04 -14.22 18.25
C ILE A 301 12.81 -14.45 19.78
N ARG A 302 13.51 -15.46 20.32
CA ARG A 302 13.41 -15.86 21.71
C ARG A 302 14.15 -14.89 22.66
N ASN A 303 15.40 -14.51 22.28
CA ASN A 303 16.32 -13.79 23.15
C ASN A 303 16.82 -12.40 22.69
N ARG A 304 16.88 -12.11 21.41
CA ARG A 304 17.45 -10.83 20.99
C ARG A 304 16.46 -9.74 20.59
N LEU A 305 15.19 -10.07 20.22
CA LEU A 305 14.19 -9.08 19.77
C LEU A 305 13.65 -8.24 20.91
N THR A 306 14.12 -6.99 21.02
CA THR A 306 13.68 -6.01 22.02
C THR A 306 13.57 -4.67 21.34
N ILE A 307 12.89 -3.69 21.97
CA ILE A 307 12.77 -2.36 21.35
C ILE A 307 14.10 -1.61 21.46
N LYS A 308 14.93 -2.00 22.44
CA LYS A 308 16.28 -1.47 22.65
C LYS A 308 17.29 -2.04 21.63
N ASN A 309 16.93 -3.13 20.90
CA ASN A 309 17.84 -3.75 19.92
C ASN A 309 17.43 -3.63 18.46
N TYR A 310 16.12 -3.63 18.16
CA TYR A 310 15.60 -3.64 16.80
C TYR A 310 14.45 -2.68 16.51
N PRO A 311 14.42 -2.02 15.33
CA PRO A 311 15.43 -1.98 14.26
C PRO A 311 16.68 -1.16 14.68
N HIS A 312 17.70 -1.05 13.81
CA HIS A 312 18.87 -0.21 14.06
C HIS A 312 19.32 0.50 12.80
#